data_2L7V
#
_entry.id   2L7V
#
loop_
_entity.id
_entity.type
_entity.pdbx_description
1 polymer "DNA (5'-D(*TP*GP*AP*GP*GP*GP*TP*GP*GP*GP*TP*AP*GP*GP*GP*TP*GP*GP*GP*TP*AP*A)-3')"
2 non-polymer 'POTASSIUM ION'
3 non-polymer "N,N-diethyl-N'-(10H-indolo[3,2-b]quinolin-11-yl)ethane-1,2-diamine"
#
_entity_poly.entity_id   1
_entity_poly.type   'polydeoxyribonucleotide'
_entity_poly.pdbx_seq_one_letter_code
;(DT)(DG)(DA)(DG)(DG)(DG)(DT)(DG)(DG)(DG)(DT)(DA)(DG)(DG)(DG)(DT)(DG)(DG)(DG)(DT)
(DA)(DA)
;
_entity_poly.pdbx_strand_id   A
#